data_6R3L
#
_entry.id   6R3L
#
_cell.length_a   95.923
_cell.length_b   64.219
_cell.length_c   87.773
_cell.angle_alpha   90.00
_cell.angle_beta   90.00
_cell.angle_gamma   90.00
#
_symmetry.space_group_name_H-M   'P 21 21 2'
#
loop_
_entity.id
_entity.type
_entity.pdbx_description
1 polymer 'Ferulic acid decarboxylase 1'
2 non-polymer 'MANGANESE (II) ION'
3 non-polymer 'POTASSIUM ION'
4 non-polymer 'prFMN cofactor and cinnamic acid adduct'
5 non-polymer 'hydroxylated prenyl-FMN'
6 non-polymer ethenylbenzene
7 water water
#
_entity_poly.entity_id   1
_entity_poly.type   'polypeptide(L)'
_entity_poly.pdbx_seq_one_letter_code
;MSAQPAHLCFRSFVEALKVDNDLVEINTPIDPNLEAAAITRRVCETNDKAPLFNNLIGMKNGLFRILGAPGSLRKSSADR
YGRLARHLALPPTASMREILDKMLSASDMPPIPPTIVPTGPCKENSLDDSEFDLTELPVPLIHKSDGGKYIQTYGMHIVQ
SPDGTWTNWSIARAMVHDKNHLTGLVIPPQHIWQIHQMWKKEGRSDVPWALAFGVPPAAIMASSMPIPDGVTEAGYVGAM
TGSSLELVKCDTNDLYVPATSEIVLEGTLSISETGPEGPFGEMHGYIFPGDTHLGAKYKVNRITYRNNAIMPMSSCGRLT
DETHTMIGSLAAAEIRKLCQQNDLPITDAFAPFESQVTWVALRVDTEKLRAMKTTSEGFRKRVGDVVFNHKAGYTIHRLV
LVGDDIDVYEGKDVLWAFSTRCRPGMDETLFEDVRGFPLIPYMGHGNGPAHRGGKVVSDALMPTEYTTGRNWEAADFNQS
YPEDLKQKVLDNWTKMGFSNLEHHHHHH
;
_entity_poly.pdbx_strand_id   A
#
# COMPACT_ATOMS: atom_id res chain seq x y z
N GLN A 4 19.70 -1.38 -15.58
CA GLN A 4 19.41 -1.27 -14.11
C GLN A 4 18.33 -2.34 -13.76
N PRO A 5 18.48 -3.03 -12.59
CA PRO A 5 17.52 -4.05 -12.21
C PRO A 5 16.07 -3.53 -12.01
N ALA A 6 15.10 -4.41 -12.28
CA ALA A 6 13.67 -3.99 -12.20
C ALA A 6 13.26 -3.42 -10.87
N HIS A 7 13.80 -3.97 -9.76
CA HIS A 7 13.39 -3.44 -8.46
C HIS A 7 14.00 -2.13 -8.12
N LEU A 8 15.04 -1.72 -8.87
CA LEU A 8 15.77 -0.47 -8.66
C LEU A 8 15.52 0.60 -9.69
N CYS A 9 14.67 0.36 -10.67
CA CYS A 9 14.43 1.30 -11.77
C CYS A 9 13.08 1.03 -12.39
N PHE A 10 12.19 2.04 -12.31
CA PHE A 10 10.84 1.88 -12.82
C PHE A 10 10.83 1.54 -14.30
N ARG A 11 11.69 2.14 -15.08
CA ARG A 11 11.65 1.83 -16.47
C ARG A 11 11.94 0.36 -16.73
N SER A 12 12.89 -0.20 -15.98
CA SER A 12 13.17 -1.61 -16.03
C SER A 12 12.05 -2.50 -15.56
N PHE A 13 11.35 -2.03 -14.50
CA PHE A 13 10.13 -2.68 -14.03
C PHE A 13 9.05 -2.84 -15.13
N VAL A 14 8.86 -1.76 -15.88
CA VAL A 14 7.90 -1.82 -17.01
C VAL A 14 8.31 -2.92 -17.99
N GLU A 15 9.61 -3.00 -18.31
N GLU A 15 9.61 -2.95 -18.31
CA GLU A 15 10.08 -4.06 -19.22
CA GLU A 15 10.16 -3.95 -19.24
C GLU A 15 9.85 -5.43 -18.63
C GLU A 15 9.94 -5.37 -18.65
N ALA A 16 10.11 -5.53 -17.33
CA ALA A 16 9.80 -6.78 -16.67
C ALA A 16 8.36 -7.26 -16.86
N LEU A 17 7.43 -6.37 -16.66
CA LEU A 17 6.06 -6.71 -16.85
C LEU A 17 5.78 -7.15 -18.30
N LYS A 18 6.36 -6.45 -19.26
N LYS A 18 6.46 -6.51 -19.22
CA LYS A 18 6.27 -6.87 -20.66
CA LYS A 18 6.39 -6.90 -20.59
C LYS A 18 6.83 -8.26 -20.85
C LYS A 18 6.88 -8.31 -20.82
N VAL A 19 8.02 -8.48 -20.34
N VAL A 19 8.01 -8.70 -20.25
CA VAL A 19 8.65 -9.81 -20.47
CA VAL A 19 8.56 -10.03 -20.58
C VAL A 19 7.79 -10.93 -19.87
C VAL A 19 7.85 -11.11 -19.74
N ASP A 20 7.15 -10.64 -18.70
CA ASP A 20 6.27 -11.53 -17.99
C ASP A 20 4.91 -11.81 -18.70
N ASN A 21 4.68 -11.15 -19.86
CA ASN A 21 3.40 -11.25 -20.51
C ASN A 21 2.28 -10.72 -19.54
N ASP A 22 2.64 -9.61 -18.88
CA ASP A 22 1.78 -8.97 -17.84
C ASP A 22 1.47 -7.54 -18.12
N LEU A 23 1.67 -7.12 -19.39
N LEU A 23 1.46 -7.17 -19.40
CA LEU A 23 1.51 -5.78 -19.86
CA LEU A 23 1.33 -5.81 -19.74
C LEU A 23 0.65 -5.78 -21.13
C LEU A 23 0.79 -5.64 -21.16
N VAL A 24 -0.18 -4.78 -21.29
CA VAL A 24 -0.83 -4.43 -22.56
C VAL A 24 -0.46 -3.03 -22.91
N GLU A 25 0.25 -2.86 -24.02
CA GLU A 25 0.57 -1.55 -24.52
C GLU A 25 -0.56 -1.06 -25.45
N ILE A 26 -1.10 0.11 -25.13
N ILE A 26 -1.01 0.15 -25.20
CA ILE A 26 -2.14 0.76 -25.95
CA ILE A 26 -2.15 0.75 -25.93
C ILE A 26 -1.39 1.95 -26.55
C ILE A 26 -1.56 2.02 -26.57
N ASN A 27 -1.36 1.91 -27.88
CA ASN A 27 -0.58 2.88 -28.68
C ASN A 27 -1.54 3.82 -29.45
N THR A 28 -2.86 3.61 -29.37
CA THR A 28 -3.86 4.50 -29.96
C THR A 28 -4.29 5.55 -28.92
N PRO A 29 -4.84 6.67 -29.32
CA PRO A 29 -5.10 7.74 -28.32
C PRO A 29 -6.12 7.33 -27.32
N ILE A 30 -5.75 7.57 -26.05
CA ILE A 30 -6.59 7.28 -24.86
C ILE A 30 -6.79 8.59 -24.09
N ASP A 31 -8.01 8.84 -23.63
CA ASP A 31 -8.29 10.09 -22.95
C ASP A 31 -7.92 9.98 -21.44
N PRO A 32 -7.09 10.87 -20.89
CA PRO A 32 -6.90 10.88 -19.44
C PRO A 32 -8.17 11.33 -18.72
N ASN A 33 -9.16 11.94 -19.37
CA ASN A 33 -10.43 12.18 -18.74
C ASN A 33 -11.23 10.86 -18.70
N LEU A 34 -11.13 10.17 -17.57
CA LEU A 34 -11.82 8.92 -17.27
C LEU A 34 -11.42 7.67 -18.00
N GLU A 35 -11.13 7.73 -19.32
CA GLU A 35 -10.94 6.51 -20.07
C GLU A 35 -9.78 5.67 -19.59
N ALA A 36 -8.60 6.32 -19.37
CA ALA A 36 -7.43 5.55 -18.88
C ALA A 36 -7.77 4.85 -17.57
N ALA A 37 -8.37 5.62 -16.66
CA ALA A 37 -8.73 5.07 -15.34
C ALA A 37 -9.81 4.00 -15.40
N ALA A 38 -10.76 4.13 -16.35
CA ALA A 38 -11.82 3.11 -16.50
C ALA A 38 -11.25 1.79 -16.96
N ILE A 39 -10.32 1.85 -17.94
CA ILE A 39 -9.64 0.65 -18.42
C ILE A 39 -8.89 0.06 -17.21
N THR A 40 -8.14 0.89 -16.48
CA THR A 40 -7.38 0.42 -15.33
C THR A 40 -8.29 -0.21 -14.24
N ARG A 41 -9.42 0.42 -14.02
CA ARG A 41 -10.40 -0.11 -13.04
C ARG A 41 -10.86 -1.49 -13.40
N ARG A 42 -11.23 -1.64 -14.67
N ARG A 42 -11.23 -1.70 -14.66
CA ARG A 42 -11.61 -2.94 -15.18
CA ARG A 42 -11.62 -3.05 -15.07
C ARG A 42 -10.54 -4.01 -15.06
C ARG A 42 -10.50 -4.08 -15.07
N VAL A 43 -9.27 -3.64 -15.35
CA VAL A 43 -8.13 -4.49 -15.12
C VAL A 43 -8.09 -4.96 -13.66
N CYS A 44 -8.20 -3.97 -12.73
CA CYS A 44 -8.08 -4.29 -11.30
C CYS A 44 -9.24 -5.20 -10.81
N GLU A 45 -10.46 -5.02 -11.38
CA GLU A 45 -11.60 -5.84 -10.95
C GLU A 45 -11.54 -7.22 -11.55
N THR A 46 -10.68 -7.43 -12.58
CA THR A 46 -10.62 -8.74 -13.25
C THR A 46 -9.23 -9.36 -13.21
N ASN A 47 -8.28 -8.78 -12.48
CA ASN A 47 -6.92 -9.25 -12.40
C ASN A 47 -6.23 -9.39 -13.74
N ASP A 48 -6.54 -8.49 -14.69
CA ASP A 48 -5.93 -8.57 -16.03
C ASP A 48 -4.52 -7.98 -16.03
N LYS A 49 -3.92 -7.96 -17.20
CA LYS A 49 -2.59 -7.39 -17.39
C LYS A 49 -2.58 -5.87 -17.15
N ALA A 50 -1.44 -5.36 -16.70
CA ALA A 50 -1.34 -3.95 -16.48
C ALA A 50 -1.36 -3.16 -17.79
N PRO A 51 -2.13 -2.04 -17.85
CA PRO A 51 -2.15 -1.24 -19.08
C PRO A 51 -1.11 -0.20 -19.12
N LEU A 52 -0.44 -0.02 -20.25
CA LEU A 52 0.56 1.04 -20.52
C LEU A 52 -0.03 1.92 -21.63
N PHE A 53 -0.40 3.12 -21.32
CA PHE A 53 -1.01 4.06 -22.26
C PHE A 53 0.13 4.92 -22.80
N ASN A 54 0.55 4.56 -24.04
CA ASN A 54 1.66 5.23 -24.70
C ASN A 54 1.21 6.47 -25.52
N ASN A 55 -0.09 6.69 -25.69
CA ASN A 55 -0.63 7.74 -26.52
C ASN A 55 -1.76 8.38 -25.81
N LEU A 56 -1.40 9.23 -24.86
N LEU A 56 -1.41 9.19 -24.79
CA LEU A 56 -2.36 9.77 -23.93
CA LEU A 56 -2.43 9.93 -24.00
C LEU A 56 -2.74 11.18 -24.46
C LEU A 56 -2.78 11.23 -24.68
N ILE A 57 -4.04 11.45 -24.74
CA ILE A 57 -4.53 12.71 -25.30
C ILE A 57 -4.15 13.84 -24.37
N GLY A 58 -3.34 14.80 -24.88
CA GLY A 58 -2.82 15.89 -24.02
C GLY A 58 -1.35 15.75 -23.67
N MET A 59 -0.71 14.59 -23.98
N MET A 59 -0.72 14.60 -23.98
CA MET A 59 0.75 14.47 -23.76
CA MET A 59 0.73 14.57 -23.84
C MET A 59 1.49 15.42 -24.67
C MET A 59 1.34 15.74 -24.60
N LYS A 60 2.41 16.23 -24.11
CA LYS A 60 3.17 17.21 -24.93
C LYS A 60 4.59 17.23 -24.36
N ASN A 61 5.59 17.31 -25.26
CA ASN A 61 7.00 17.42 -24.82
C ASN A 61 7.40 16.36 -23.86
N GLY A 62 6.84 15.21 -24.03
CA GLY A 62 7.23 14.07 -23.30
C GLY A 62 6.54 13.87 -21.97
N LEU A 63 5.56 14.70 -21.64
CA LEU A 63 4.82 14.51 -20.39
C LEU A 63 3.34 14.21 -20.76
N PHE A 64 2.84 13.01 -20.54
CA PHE A 64 3.50 11.81 -20.08
C PHE A 64 2.67 10.61 -20.56
N ARG A 65 3.25 9.43 -20.50
CA ARG A 65 2.54 8.12 -20.62
C ARG A 65 2.00 7.72 -19.27
N ILE A 66 1.08 6.75 -19.20
CA ILE A 66 0.62 6.28 -17.90
C ILE A 66 0.75 4.75 -17.83
N LEU A 67 1.23 4.21 -16.71
CA LEU A 67 1.09 2.79 -16.40
C LEU A 67 0.06 2.61 -15.33
N GLY A 68 -1.04 1.94 -15.60
CA GLY A 68 -2.03 1.64 -14.57
C GLY A 68 -1.73 0.32 -13.87
N ALA A 69 -2.35 0.16 -12.68
CA ALA A 69 -2.39 -1.09 -11.95
C ALA A 69 -0.98 -1.67 -11.66
N PRO A 70 0.01 -0.83 -11.24
CA PRO A 70 1.34 -1.33 -11.06
C PRO A 70 1.56 -2.39 -9.98
N GLY A 71 0.68 -2.41 -8.98
CA GLY A 71 0.82 -3.35 -7.87
C GLY A 71 -0.41 -4.22 -7.67
N SER A 72 -1.21 -4.39 -8.71
CA SER A 72 -2.41 -5.19 -8.65
C SER A 72 -2.18 -6.67 -8.94
N LEU A 73 -3.23 -7.47 -8.86
CA LEU A 73 -3.07 -8.94 -8.88
C LEU A 73 -3.09 -9.49 -10.31
N ARG A 74 -2.42 -10.62 -10.44
CA ARG A 74 -2.50 -11.40 -11.69
C ARG A 74 -3.60 -12.46 -11.50
N LYS A 75 -4.10 -12.98 -12.63
CA LYS A 75 -5.23 -13.86 -12.66
C LYS A 75 -4.87 -15.24 -12.07
N SER A 76 -3.72 -15.71 -12.45
N SER A 76 -3.75 -15.77 -12.47
CA SER A 76 -3.29 -17.01 -11.98
CA SER A 76 -3.38 -17.11 -11.98
C SER A 76 -3.07 -17.09 -10.45
C SER A 76 -2.97 -17.15 -10.51
N SER A 77 -3.35 -18.24 -9.84
CA SER A 77 -3.00 -18.43 -8.47
C SER A 77 -1.50 -18.56 -8.26
N ALA A 78 -0.79 -19.14 -9.20
CA ALA A 78 0.61 -19.46 -8.99
C ALA A 78 1.44 -18.18 -8.91
N ASP A 79 1.09 -17.19 -9.72
CA ASP A 79 1.84 -15.91 -9.71
C ASP A 79 0.94 -14.74 -9.35
N ARG A 80 -0.06 -14.97 -8.54
CA ARG A 80 -1.02 -13.98 -8.08
C ARG A 80 -0.36 -12.64 -7.73
N TYR A 81 0.72 -12.73 -6.93
CA TYR A 81 1.43 -11.54 -6.40
C TYR A 81 2.64 -11.18 -7.18
N GLY A 82 2.70 -11.65 -8.46
CA GLY A 82 3.91 -11.43 -9.23
C GLY A 82 4.30 -9.99 -9.46
N ARG A 83 3.34 -9.06 -9.55
CA ARG A 83 3.70 -7.67 -9.73
C ARG A 83 4.41 -7.19 -8.47
N LEU A 84 3.94 -7.57 -7.28
N LEU A 84 3.95 -7.55 -7.27
CA LEU A 84 4.65 -7.18 -6.05
CA LEU A 84 4.68 -7.17 -6.03
C LEU A 84 6.02 -7.82 -5.99
C LEU A 84 6.04 -7.84 -5.93
N ALA A 85 6.16 -9.10 -6.36
CA ALA A 85 7.44 -9.77 -6.40
C ALA A 85 8.42 -9.02 -7.34
N ARG A 86 7.92 -8.47 -8.43
CA ARG A 86 8.76 -7.69 -9.36
C ARG A 86 9.16 -6.37 -8.79
N HIS A 87 8.52 -5.88 -7.71
CA HIS A 87 9.02 -4.69 -7.02
C HIS A 87 10.24 -4.98 -6.15
N LEU A 88 10.58 -6.26 -5.96
CA LEU A 88 11.49 -6.63 -4.90
C LEU A 88 12.57 -7.63 -5.25
N ALA A 89 12.67 -7.99 -6.54
CA ALA A 89 13.68 -8.97 -7.03
C ALA A 89 13.37 -10.36 -6.61
N LEU A 90 12.12 -10.65 -6.21
CA LEU A 90 11.68 -11.93 -5.81
C LEU A 90 11.17 -12.73 -7.04
N PRO A 91 11.25 -14.08 -6.98
CA PRO A 91 10.61 -14.85 -8.02
C PRO A 91 9.12 -14.48 -8.17
N PRO A 92 8.56 -14.56 -9.37
CA PRO A 92 7.22 -14.12 -9.55
C PRO A 92 6.15 -15.00 -8.87
N THR A 93 6.49 -16.24 -8.47
CA THR A 93 5.69 -17.11 -7.71
C THR A 93 5.80 -16.95 -6.17
N ALA A 94 6.49 -15.92 -5.77
CA ALA A 94 6.68 -15.70 -4.35
C ALA A 94 5.35 -15.62 -3.56
N SER A 95 5.33 -16.24 -2.36
CA SER A 95 4.16 -16.14 -1.59
C SER A 95 4.03 -14.77 -0.86
N MET A 96 2.82 -14.50 -0.37
N MET A 96 2.83 -14.44 -0.35
CA MET A 96 2.63 -13.35 0.44
CA MET A 96 2.73 -13.22 0.43
C MET A 96 3.55 -13.32 1.66
C MET A 96 3.56 -13.30 1.73
N ARG A 97 3.71 -14.45 2.31
CA ARG A 97 4.65 -14.53 3.43
C ARG A 97 6.04 -14.09 3.05
N GLU A 98 6.52 -14.57 1.89
CA GLU A 98 7.85 -14.24 1.41
C GLU A 98 7.92 -12.74 1.07
N ILE A 99 6.93 -12.16 0.45
CA ILE A 99 6.94 -10.75 0.16
C ILE A 99 6.99 -9.93 1.45
N LEU A 100 6.16 -10.28 2.41
CA LEU A 100 6.15 -9.53 3.66
C LEU A 100 7.41 -9.68 4.48
N ASP A 101 7.95 -10.91 4.47
CA ASP A 101 9.25 -11.11 5.13
C ASP A 101 10.33 -10.26 4.46
N LYS A 102 10.31 -10.14 3.15
CA LYS A 102 11.31 -9.28 2.45
C LYS A 102 11.14 -7.86 2.92
N MET A 103 9.89 -7.37 2.99
CA MET A 103 9.58 -6.01 3.47
C MET A 103 9.96 -5.73 4.89
N LEU A 104 9.96 -6.78 5.75
CA LEU A 104 10.38 -6.66 7.14
C LEU A 104 11.86 -6.88 7.38
N SER A 105 12.58 -7.43 6.43
CA SER A 105 13.92 -7.91 6.64
C SER A 105 14.89 -6.85 7.08
N ALA A 106 14.72 -5.61 6.65
CA ALA A 106 15.57 -4.52 6.99
C ALA A 106 15.36 -4.02 8.38
N SER A 107 14.31 -4.46 9.09
N SER A 107 14.26 -4.40 9.05
CA SER A 107 14.02 -3.93 10.43
CA SER A 107 14.04 -3.88 10.37
C SER A 107 15.05 -4.25 11.55
C SER A 107 15.23 -4.11 11.28
N ASP A 108 15.83 -5.29 11.38
N ASP A 108 15.75 -5.33 11.18
CA ASP A 108 16.99 -5.51 12.27
CA ASP A 108 16.85 -5.85 12.00
C ASP A 108 18.27 -5.74 11.41
C ASP A 108 18.28 -5.45 11.60
N MET A 109 18.37 -4.84 10.44
CA MET A 109 19.62 -4.59 9.75
C MET A 109 20.11 -3.18 9.91
N PRO A 110 21.44 -2.95 9.82
CA PRO A 110 21.89 -1.60 9.70
C PRO A 110 21.38 -0.94 8.45
N PRO A 111 20.92 0.32 8.53
CA PRO A 111 20.60 1.00 7.26
C PRO A 111 21.75 1.04 6.31
N ILE A 112 21.49 1.09 5.00
CA ILE A 112 22.47 1.33 3.98
C ILE A 112 22.14 2.69 3.42
N PRO A 113 22.83 3.76 3.84
CA PRO A 113 22.39 5.09 3.41
C PRO A 113 22.59 5.26 1.86
N PRO A 114 21.86 6.10 1.23
CA PRO A 114 21.94 6.37 -0.18
C PRO A 114 23.25 7.01 -0.63
N THR A 115 23.50 6.83 -1.91
CA THR A 115 24.71 7.35 -2.56
C THR A 115 24.30 8.49 -3.44
N ILE A 116 24.93 9.67 -3.33
CA ILE A 116 24.70 10.80 -4.18
C ILE A 116 25.46 10.69 -5.45
N VAL A 117 24.81 10.82 -6.57
CA VAL A 117 25.41 10.79 -7.89
C VAL A 117 25.11 12.11 -8.56
N PRO A 118 25.95 12.57 -9.54
CA PRO A 118 25.82 13.94 -10.02
C PRO A 118 24.68 14.14 -11.00
N THR A 119 24.18 13.08 -11.62
CA THR A 119 23.03 13.20 -12.54
C THR A 119 22.39 11.80 -12.74
N GLY A 120 21.28 11.84 -13.43
CA GLY A 120 20.57 10.63 -13.83
C GLY A 120 19.49 10.89 -14.78
N PRO A 121 18.78 9.82 -15.22
CA PRO A 121 17.72 10.04 -16.22
C PRO A 121 16.67 11.04 -15.86
N CYS A 122 16.34 11.19 -14.57
CA CYS A 122 15.35 12.17 -14.18
C CYS A 122 15.68 13.63 -14.48
N LYS A 123 16.94 13.85 -14.98
CA LYS A 123 17.39 15.19 -15.39
C LYS A 123 17.43 15.36 -16.86
N GLU A 124 16.88 14.41 -17.62
CA GLU A 124 16.94 14.48 -19.10
C GLU A 124 16.20 15.69 -19.67
N ASN A 125 15.14 16.14 -19.01
CA ASN A 125 14.38 17.27 -19.40
C ASN A 125 14.00 18.10 -18.16
N SER A 126 13.81 19.40 -18.29
CA SER A 126 13.38 20.21 -17.21
C SER A 126 12.45 21.35 -17.72
N LEU A 127 11.57 21.79 -16.80
CA LEU A 127 10.68 22.89 -17.05
C LEU A 127 10.70 23.77 -15.83
N ASP A 128 10.99 25.06 -16.08
CA ASP A 128 10.89 26.01 -15.04
C ASP A 128 9.48 26.53 -14.86
N ASP A 129 9.51 27.43 -13.87
N ASP A 129 9.19 27.35 -13.82
CA ASP A 129 8.43 28.15 -13.32
CA ASP A 129 7.80 27.88 -13.54
C ASP A 129 7.62 29.06 -14.31
C ASP A 129 7.17 28.63 -14.73
N SER A 130 8.07 29.17 -15.57
CA SER A 130 7.46 29.89 -16.74
C SER A 130 7.16 28.97 -17.89
N GLU A 131 7.44 27.65 -17.75
CA GLU A 131 7.32 26.73 -18.87
C GLU A 131 6.36 25.62 -18.66
N PHE A 132 5.90 25.36 -17.44
CA PHE A 132 4.87 24.34 -17.31
C PHE A 132 3.57 24.99 -16.80
N ASP A 133 2.49 24.21 -16.95
CA ASP A 133 1.20 24.54 -16.32
C ASP A 133 0.57 23.21 -16.02
N LEU A 134 0.36 22.91 -14.76
CA LEU A 134 -0.15 21.57 -14.39
C LEU A 134 -1.53 21.30 -14.92
N THR A 135 -2.30 22.38 -15.26
CA THR A 135 -3.64 22.19 -15.83
C THR A 135 -3.62 21.79 -17.30
N GLU A 136 -2.46 21.90 -17.94
CA GLU A 136 -2.27 21.52 -19.32
C GLU A 136 -1.58 20.22 -19.50
N LEU A 137 -1.20 19.53 -18.46
CA LEU A 137 -0.68 18.19 -18.59
C LEU A 137 -1.86 17.20 -18.66
N PRO A 138 -1.58 15.98 -19.11
CA PRO A 138 -2.68 14.93 -19.23
C PRO A 138 -2.94 14.20 -17.91
N VAL A 139 -3.16 14.99 -16.88
CA VAL A 139 -3.47 14.44 -15.58
C VAL A 139 -4.84 13.74 -15.61
N PRO A 140 -4.92 12.55 -15.08
CA PRO A 140 -6.21 11.82 -15.13
C PRO A 140 -7.27 12.32 -14.23
N LEU A 141 -8.51 12.25 -14.76
CA LEU A 141 -9.69 12.28 -13.88
C LEU A 141 -9.96 10.78 -13.69
N ILE A 142 -9.80 10.30 -12.44
CA ILE A 142 -9.80 8.81 -12.13
C ILE A 142 -11.19 8.26 -11.92
N HIS A 143 -12.07 9.02 -11.28
CA HIS A 143 -13.45 8.62 -11.03
C HIS A 143 -14.36 9.80 -11.40
N LYS A 144 -15.55 9.52 -11.93
N LYS A 144 -15.55 9.56 -11.95
CA LYS A 144 -16.33 10.59 -12.52
CA LYS A 144 -16.25 10.71 -12.51
C LYS A 144 -16.74 11.74 -11.56
C LYS A 144 -16.62 11.82 -11.51
N SER A 145 -16.85 11.47 -10.21
CA SER A 145 -17.20 12.48 -9.22
C SER A 145 -15.99 13.01 -8.47
N ASP A 146 -14.79 12.68 -8.87
CA ASP A 146 -13.65 13.23 -8.13
C ASP A 146 -13.64 14.75 -8.18
N GLY A 147 -13.11 15.32 -7.13
CA GLY A 147 -13.07 16.78 -7.01
C GLY A 147 -11.91 17.44 -7.66
N GLY A 148 -11.11 16.69 -8.37
CA GLY A 148 -9.93 17.17 -9.10
C GLY A 148 -9.32 16.07 -9.90
N LYS A 149 -8.24 16.43 -10.58
N LYS A 149 -8.30 16.46 -10.67
CA LYS A 149 -7.49 15.52 -11.41
CA LYS A 149 -7.47 15.55 -11.48
C LYS A 149 -6.28 15.06 -10.60
C LYS A 149 -6.32 15.09 -10.56
N TYR A 150 -6.35 13.78 -10.20
CA TYR A 150 -5.43 13.24 -9.25
C TYR A 150 -4.16 12.81 -9.92
N ILE A 151 -3.22 13.77 -10.06
CA ILE A 151 -1.89 13.52 -10.59
C ILE A 151 -1.12 12.53 -9.75
N GLN A 152 -1.39 12.50 -8.41
CA GLN A 152 -0.58 11.79 -7.48
C GLN A 152 -1.36 10.69 -6.80
N THR A 153 -1.16 9.47 -7.34
CA THR A 153 -1.65 8.26 -6.77
C THR A 153 -0.58 7.19 -6.53
N TYR A 154 0.64 7.35 -7.12
CA TYR A 154 1.66 6.32 -7.01
C TYR A 154 3.06 6.89 -7.04
N GLY A 155 3.19 8.20 -6.77
CA GLY A 155 4.51 8.77 -6.54
C GLY A 155 4.79 8.86 -5.07
N MET A 156 6.01 9.25 -4.75
CA MET A 156 6.52 9.34 -3.43
C MET A 156 6.84 10.78 -3.03
N HIS A 157 6.16 11.23 -1.98
CA HIS A 157 6.52 12.55 -1.38
C HIS A 157 7.79 12.36 -0.56
N ILE A 158 8.64 13.40 -0.67
CA ILE A 158 9.92 13.47 0.05
C ILE A 158 9.90 14.76 0.90
N VAL A 159 9.97 14.59 2.20
CA VAL A 159 10.07 15.69 3.14
C VAL A 159 11.06 15.33 4.22
N GLN A 160 11.73 16.31 4.81
CA GLN A 160 12.77 16.08 5.77
C GLN A 160 12.45 16.88 7.02
N SER A 161 12.80 16.31 8.19
CA SER A 161 12.68 17.05 9.42
C SER A 161 13.49 18.36 9.39
N PRO A 162 13.08 19.39 10.13
CA PRO A 162 13.90 20.61 10.10
C PRO A 162 15.38 20.42 10.48
N ASP A 163 15.64 19.51 11.37
CA ASP A 163 17.00 19.23 11.81
C ASP A 163 17.79 18.39 10.88
N GLY A 164 17.16 17.93 9.79
CA GLY A 164 17.88 17.12 8.79
C GLY A 164 18.06 15.65 9.07
N THR A 165 17.67 15.21 10.23
CA THR A 165 17.99 13.86 10.67
C THR A 165 17.10 12.77 10.16
N TRP A 166 15.92 13.12 9.62
CA TRP A 166 14.95 12.12 9.11
C TRP A 166 14.40 12.59 7.81
N THR A 167 14.57 11.76 6.79
CA THR A 167 13.99 12.07 5.47
C THR A 167 12.93 10.97 5.17
N ASN A 168 11.66 11.38 5.08
CA ASN A 168 10.60 10.42 4.92
C ASN A 168 10.17 10.37 3.44
N TRP A 169 9.89 9.11 3.02
CA TRP A 169 9.30 8.78 1.73
C TRP A 169 7.94 8.13 1.92
N SER A 170 6.85 8.70 1.32
CA SER A 170 5.56 8.08 1.55
C SER A 170 4.63 8.43 0.39
N ILE A 171 3.64 7.55 0.18
CA ILE A 171 2.52 7.87 -0.73
C ILE A 171 1.42 8.55 0.08
N ALA A 172 0.96 9.68 -0.44
CA ALA A 172 -0.28 10.36 -0.01
C ALA A 172 -0.87 10.99 -1.24
N ARG A 173 -2.19 10.97 -1.43
CA ARG A 173 -2.78 11.45 -2.68
C ARG A 173 -2.62 12.99 -2.81
N ALA A 174 -2.66 13.41 -4.07
CA ALA A 174 -2.73 14.86 -4.35
C ALA A 174 -3.32 15.06 -5.75
N MET A 175 -3.99 16.20 -5.86
CA MET A 175 -4.66 16.62 -7.08
C MET A 175 -4.22 18.03 -7.50
N VAL A 176 -4.40 18.31 -8.79
CA VAL A 176 -4.06 19.65 -9.29
C VAL A 176 -5.05 20.73 -8.77
N HIS A 177 -4.51 21.80 -8.22
CA HIS A 177 -5.24 22.99 -7.77
C HIS A 177 -5.26 24.08 -8.84
N ASP A 178 -4.08 24.34 -9.36
CA ASP A 178 -3.96 25.34 -10.46
C ASP A 178 -2.68 25.14 -11.18
N LYS A 179 -2.24 26.09 -12.04
CA LYS A 179 -1.05 25.89 -12.86
C LYS A 179 0.22 25.47 -12.11
N ASN A 180 0.31 25.84 -10.86
CA ASN A 180 1.51 25.56 -10.13
C ASN A 180 1.31 25.15 -8.68
N HIS A 181 0.14 24.56 -8.38
CA HIS A 181 -0.06 24.04 -7.04
C HIS A 181 -0.89 22.74 -7.14
N LEU A 182 -0.66 21.91 -6.10
CA LEU A 182 -1.51 20.77 -5.83
C LEU A 182 -2.17 20.95 -4.45
N THR A 183 -3.25 20.21 -4.22
CA THR A 183 -3.72 20.01 -2.89
C THR A 183 -3.72 18.54 -2.60
N GLY A 184 -3.61 18.15 -1.34
CA GLY A 184 -3.58 16.72 -1.03
C GLY A 184 -3.87 16.46 0.45
N LEU A 185 -4.02 15.17 0.78
N LEU A 185 -3.94 15.18 0.78
CA LEU A 185 -4.16 14.72 2.16
CA LEU A 185 -4.34 14.73 2.08
C LEU A 185 -2.88 14.70 2.89
C LEU A 185 -3.09 14.56 2.94
N VAL A 186 -2.93 15.36 4.02
CA VAL A 186 -1.82 15.36 4.99
C VAL A 186 -2.44 15.27 6.36
N ILE A 187 -2.58 14.05 6.93
CA ILE A 187 -3.37 13.80 8.10
C ILE A 187 -2.65 13.00 9.15
N PRO A 188 -2.97 13.22 10.44
CA PRO A 188 -2.30 12.44 11.46
C PRO A 188 -2.76 10.98 11.40
N PRO A 189 -1.94 10.02 11.73
CA PRO A 189 -0.58 10.14 12.35
C PRO A 189 0.55 9.98 11.30
N GLN A 190 0.24 10.29 10.05
CA GLN A 190 1.16 9.90 8.94
C GLN A 190 2.43 10.69 9.08
N HIS A 191 3.52 10.15 8.58
CA HIS A 191 4.80 10.83 8.72
C HIS A 191 4.92 12.12 7.96
N ILE A 192 4.24 12.27 6.83
CA ILE A 192 4.28 13.53 6.12
C ILE A 192 3.61 14.59 7.04
N TRP A 193 2.55 14.23 7.76
CA TRP A 193 1.95 15.12 8.72
C TRP A 193 2.80 15.41 9.94
N GLN A 194 3.47 14.37 10.44
CA GLN A 194 4.33 14.60 11.61
C GLN A 194 5.47 15.60 11.26
N ILE A 195 6.06 15.43 10.09
CA ILE A 195 7.10 16.34 9.69
C ILE A 195 6.54 17.70 9.42
N HIS A 196 5.40 17.79 8.73
N HIS A 196 5.40 17.80 8.71
CA HIS A 196 4.80 19.08 8.51
CA HIS A 196 4.73 19.07 8.49
C HIS A 196 4.62 19.85 9.84
C HIS A 196 4.58 19.85 9.81
N GLN A 197 4.16 19.13 10.84
CA GLN A 197 3.93 19.77 12.15
C GLN A 197 5.25 20.33 12.72
N MET A 198 6.35 19.65 12.49
CA MET A 198 7.63 20.15 12.99
C MET A 198 7.95 21.49 12.37
N TRP A 199 7.75 21.60 11.06
CA TRP A 199 8.01 22.87 10.35
C TRP A 199 6.99 23.95 10.83
N LYS A 200 5.75 23.57 11.01
N LYS A 200 5.73 23.57 10.95
CA LYS A 200 4.80 24.57 11.49
CA LYS A 200 4.76 24.54 11.49
C LYS A 200 5.15 25.12 12.85
C LYS A 200 5.21 25.11 12.81
N LYS A 201 5.62 24.28 13.77
CA LYS A 201 6.03 24.74 15.09
C LYS A 201 7.25 25.64 14.99
N GLU A 202 8.19 25.32 14.10
CA GLU A 202 9.36 26.19 13.89
C GLU A 202 8.93 27.56 13.35
N GLY A 203 7.88 27.54 12.47
CA GLY A 203 7.25 28.77 11.97
C GLY A 203 7.95 29.65 11.06
N ARG A 204 9.13 29.25 10.56
CA ARG A 204 9.96 30.12 9.76
C ARG A 204 9.75 29.99 8.24
N SER A 205 9.54 28.80 7.75
N SER A 205 9.41 28.80 7.80
CA SER A 205 9.38 28.61 6.29
CA SER A 205 9.62 28.35 6.40
C SER A 205 8.46 27.47 5.96
C SER A 205 8.50 27.39 5.97
N ASP A 206 8.04 27.50 4.74
CA ASP A 206 7.32 26.37 4.13
C ASP A 206 8.28 25.15 4.05
N VAL A 207 7.68 23.96 3.94
CA VAL A 207 8.50 22.76 3.96
C VAL A 207 9.12 22.47 2.58
N PRO A 208 10.46 22.39 2.46
CA PRO A 208 11.02 21.96 1.17
C PRO A 208 10.45 20.56 0.85
N TRP A 209 10.13 20.43 -0.41
CA TRP A 209 9.38 19.21 -0.83
C TRP A 209 9.75 18.81 -2.23
N ALA A 210 9.69 17.50 -2.44
CA ALA A 210 9.73 16.92 -3.80
C ALA A 210 8.71 15.77 -3.84
N LEU A 211 8.24 15.54 -5.05
CA LEU A 211 7.33 14.43 -5.32
C LEU A 211 7.84 13.73 -6.56
N ALA A 212 8.31 12.49 -6.36
CA ALA A 212 8.94 11.71 -7.44
C ALA A 212 8.03 10.56 -7.91
N PHE A 213 7.73 10.55 -9.17
CA PHE A 213 6.86 9.53 -9.76
C PHE A 213 7.70 8.54 -10.55
N GLY A 214 7.33 7.27 -10.54
CA GLY A 214 8.12 6.28 -11.22
C GLY A 214 9.43 6.10 -10.60
N VAL A 215 9.43 5.93 -9.30
CA VAL A 215 10.64 5.70 -8.51
C VAL A 215 11.01 4.23 -8.52
N PRO A 216 12.19 3.85 -7.97
CA PRO A 216 12.53 2.47 -7.87
C PRO A 216 11.39 1.66 -7.21
N PRO A 217 10.96 0.57 -7.78
CA PRO A 217 9.84 -0.17 -7.19
C PRO A 217 10.08 -0.54 -5.72
N ALA A 218 11.31 -0.91 -5.34
CA ALA A 218 11.52 -1.23 -3.95
C ALA A 218 11.22 -0.04 -3.03
N ALA A 219 11.52 1.14 -3.51
CA ALA A 219 11.26 2.39 -2.81
C ALA A 219 9.77 2.70 -2.68
N ILE A 220 8.98 2.49 -3.73
CA ILE A 220 7.54 2.74 -3.60
C ILE A 220 6.89 1.73 -2.62
N MET A 221 7.40 0.51 -2.55
N MET A 221 7.42 0.52 -2.53
CA MET A 221 6.89 -0.43 -1.55
CA MET A 221 6.88 -0.42 -1.54
C MET A 221 7.14 0.11 -0.13
C MET A 221 7.16 0.07 -0.11
N ALA A 222 8.39 0.54 0.16
CA ALA A 222 8.63 1.11 1.50
C ALA A 222 7.85 2.38 1.73
N SER A 223 7.58 3.16 0.68
CA SER A 223 6.80 4.39 0.78
C SER A 223 5.37 4.09 1.25
N SER A 224 4.87 2.88 1.01
N SER A 224 4.85 2.88 1.00
CA SER A 224 3.56 2.46 1.36
CA SER A 224 3.53 2.49 1.41
C SER A 224 3.44 1.71 2.66
C SER A 224 3.43 1.71 2.69
N MET A 225 4.56 1.56 3.39
CA MET A 225 4.65 0.73 4.61
C MET A 225 4.87 1.61 5.82
N PRO A 226 4.21 1.30 6.93
CA PRO A 226 4.42 2.17 8.14
C PRO A 226 5.62 1.73 8.91
N ILE A 227 6.83 1.89 8.33
CA ILE A 227 8.02 1.64 9.09
C ILE A 227 8.15 2.67 10.18
N PRO A 228 8.99 2.48 11.19
CA PRO A 228 8.90 3.33 12.40
C PRO A 228 9.17 4.83 12.20
N ASP A 229 8.63 5.60 13.15
CA ASP A 229 8.92 7.03 13.28
C ASP A 229 10.43 7.28 13.28
N GLY A 230 10.84 8.27 12.52
CA GLY A 230 12.25 8.68 12.58
C GLY A 230 13.14 7.88 11.67
N VAL A 231 12.62 6.83 10.98
CA VAL A 231 13.41 5.99 10.14
C VAL A 231 13.37 6.46 8.67
N THR A 232 14.53 6.79 8.12
CA THR A 232 14.61 7.23 6.78
C THR A 232 14.44 6.10 5.82
N GLU A 233 13.34 6.14 5.02
CA GLU A 233 13.05 5.04 4.11
C GLU A 233 14.18 4.70 3.22
N ALA A 234 14.96 5.65 2.69
CA ALA A 234 16.03 5.29 1.75
C ALA A 234 16.98 4.27 2.30
N GLY A 235 17.39 4.40 3.57
CA GLY A 235 18.36 3.51 4.19
C GLY A 235 17.77 2.14 4.49
N TYR A 236 16.43 2.11 4.73
CA TYR A 236 15.70 0.84 4.95
C TYR A 236 15.64 0.09 3.65
N VAL A 237 15.30 0.81 2.54
CA VAL A 237 15.32 0.14 1.24
C VAL A 237 16.68 -0.34 0.83
N GLY A 238 17.68 0.49 1.14
CA GLY A 238 19.06 0.06 0.92
C GLY A 238 19.35 -1.27 1.61
N ALA A 239 19.02 -1.34 2.92
CA ALA A 239 19.25 -2.59 3.62
C ALA A 239 18.50 -3.77 3.08
N MET A 240 17.22 -3.55 2.76
N MET A 240 17.22 -3.52 2.74
CA MET A 240 16.36 -4.59 2.20
CA MET A 240 16.32 -4.53 2.19
C MET A 240 16.94 -5.15 0.90
C MET A 240 16.82 -5.13 0.87
N THR A 241 17.37 -4.29 0.02
CA THR A 241 17.81 -4.68 -1.31
C THR A 241 19.34 -5.01 -1.31
N GLY A 242 20.01 -4.75 -0.23
CA GLY A 242 21.48 -4.97 -0.21
C GLY A 242 22.32 -4.01 -0.99
N SER A 243 21.70 -2.91 -1.40
CA SER A 243 22.38 -1.92 -2.21
C SER A 243 22.06 -0.53 -1.85
N SER A 244 23.01 0.36 -1.84
CA SER A 244 22.75 1.76 -1.65
C SER A 244 22.01 2.42 -2.83
N LEU A 245 20.87 3.06 -2.53
CA LEU A 245 20.16 3.68 -3.61
C LEU A 245 20.87 4.93 -4.13
N GLU A 246 20.90 5.11 -5.46
CA GLU A 246 21.56 6.27 -6.05
C GLU A 246 20.54 7.42 -6.19
N LEU A 247 20.86 8.56 -5.61
CA LEU A 247 19.99 9.73 -5.55
C LEU A 247 20.71 10.93 -6.19
N VAL A 248 19.95 11.76 -6.89
N VAL A 248 19.96 11.90 -6.62
CA VAL A 248 20.42 13.10 -7.41
CA VAL A 248 20.52 13.12 -7.23
C VAL A 248 19.79 14.20 -6.56
C VAL A 248 19.77 14.26 -6.63
N LYS A 249 20.51 15.32 -6.42
CA LYS A 249 19.93 16.54 -5.80
C LYS A 249 18.88 17.17 -6.70
N CYS A 250 17.83 17.66 -6.08
CA CYS A 250 16.88 18.51 -6.73
C CYS A 250 17.65 19.77 -7.27
N ASP A 251 17.11 20.43 -8.23
CA ASP A 251 17.69 21.68 -8.76
C ASP A 251 17.41 22.88 -7.92
N THR A 252 16.23 23.01 -7.33
CA THR A 252 15.78 24.13 -6.62
C THR A 252 15.75 24.00 -5.11
N ASN A 253 16.09 22.81 -4.57
CA ASN A 253 16.27 22.60 -3.15
C ASN A 253 17.28 21.55 -2.93
N ASP A 254 17.58 21.27 -1.65
CA ASP A 254 18.59 20.36 -1.25
C ASP A 254 18.10 18.97 -0.92
N LEU A 255 16.90 18.61 -1.28
CA LEU A 255 16.45 17.21 -1.19
C LEU A 255 16.97 16.39 -2.35
N TYR A 256 16.96 15.10 -2.17
CA TYR A 256 17.53 14.14 -3.10
C TYR A 256 16.50 13.14 -3.55
N VAL A 257 16.46 12.92 -4.85
CA VAL A 257 15.44 12.10 -5.48
C VAL A 257 16.09 10.93 -6.17
N PRO A 258 15.44 9.78 -6.36
CA PRO A 258 16.06 8.66 -7.07
C PRO A 258 16.48 9.08 -8.49
N ALA A 259 17.73 8.62 -8.83
CA ALA A 259 18.32 9.09 -10.09
C ALA A 259 17.49 8.74 -11.33
N THR A 260 16.77 7.59 -11.26
CA THR A 260 15.97 7.15 -12.38
C THR A 260 14.49 7.46 -12.25
N SER A 261 14.13 8.39 -11.36
CA SER A 261 12.71 8.82 -11.24
C SER A 261 12.19 9.23 -12.65
N GLU A 262 10.98 8.83 -13.02
CA GLU A 262 10.38 9.23 -14.28
C GLU A 262 10.06 10.73 -14.38
N ILE A 263 9.48 11.26 -13.31
CA ILE A 263 9.01 12.64 -13.21
C ILE A 263 9.28 13.15 -11.84
N VAL A 264 9.82 14.35 -11.68
CA VAL A 264 10.06 14.93 -10.35
C VAL A 264 9.41 16.29 -10.28
N LEU A 265 8.58 16.54 -9.27
CA LEU A 265 8.18 17.91 -8.96
C LEU A 265 8.96 18.42 -7.78
N GLU A 266 9.47 19.65 -7.86
CA GLU A 266 10.19 20.26 -6.75
C GLU A 266 9.41 21.45 -6.25
N GLY A 267 9.33 21.68 -4.95
CA GLY A 267 8.66 22.87 -4.48
C GLY A 267 8.56 22.93 -3.02
N THR A 268 7.39 23.39 -2.53
CA THR A 268 7.15 23.53 -1.11
C THR A 268 5.77 23.07 -0.70
N LEU A 269 5.70 22.54 0.50
CA LEU A 269 4.45 22.20 1.18
C LEU A 269 4.18 23.35 2.20
N SER A 270 3.06 24.05 2.02
CA SER A 270 2.83 25.26 2.81
C SER A 270 2.62 24.92 4.27
N ILE A 271 3.15 25.77 5.18
CA ILE A 271 2.78 25.67 6.58
C ILE A 271 1.62 26.56 6.94
N SER A 272 1.09 27.31 5.98
CA SER A 272 -0.04 28.23 6.24
C SER A 272 -1.26 28.06 5.38
N GLU A 273 -1.06 27.72 4.10
CA GLU A 273 -2.13 27.74 3.19
C GLU A 273 -2.81 26.38 3.03
N THR A 274 -4.08 26.40 2.64
CA THR A 274 -4.83 25.20 2.29
C THR A 274 -5.60 25.46 1.01
N GLY A 275 -6.18 24.42 0.43
CA GLY A 275 -7.10 24.61 -0.67
C GLY A 275 -8.03 23.42 -0.77
N PRO A 276 -9.08 23.55 -1.58
CA PRO A 276 -10.04 22.46 -1.74
C PRO A 276 -9.37 21.18 -2.16
N GLU A 277 -9.77 20.09 -1.52
CA GLU A 277 -9.21 18.75 -1.82
C GLU A 277 -10.36 17.75 -1.76
N GLY A 278 -10.34 16.79 -2.69
CA GLY A 278 -11.34 15.78 -2.71
C GLY A 278 -12.67 16.30 -3.25
N PRO A 279 -13.68 15.44 -3.25
CA PRO A 279 -13.57 14.05 -2.84
C PRO A 279 -12.83 13.17 -3.86
N PHE A 280 -12.52 11.95 -3.42
CA PHE A 280 -11.77 10.99 -4.22
C PHE A 280 -12.35 9.61 -4.07
N GLY A 281 -12.46 8.83 -5.14
CA GLY A 281 -12.84 7.43 -5.03
C GLY A 281 -11.76 6.66 -4.36
N GLU A 282 -12.04 6.25 -3.09
N GLU A 282 -12.07 6.06 -3.21
CA GLU A 282 -11.03 5.78 -2.13
CA GLU A 282 -11.00 5.62 -2.30
C GLU A 282 -10.99 4.25 -1.98
C GLU A 282 -10.97 4.15 -2.02
N MET A 283 -9.99 3.81 -1.18
CA MET A 283 -9.65 2.42 -0.97
C MET A 283 -10.79 1.54 -0.49
N HIS A 284 -11.76 2.10 0.26
CA HIS A 284 -12.80 1.28 0.77
C HIS A 284 -13.92 1.06 -0.25
N GLY A 285 -13.82 1.65 -1.41
CA GLY A 285 -14.79 1.38 -2.47
C GLY A 285 -15.80 2.46 -2.70
N TYR A 286 -15.67 3.68 -2.20
CA TYR A 286 -16.70 4.71 -2.27
C TYR A 286 -16.18 6.04 -2.62
N ILE A 287 -17.02 6.87 -3.22
CA ILE A 287 -16.85 8.31 -3.24
C ILE A 287 -18.14 8.97 -2.77
N PHE A 288 -17.99 10.06 -1.99
CA PHE A 288 -19.13 10.83 -1.53
C PHE A 288 -19.11 12.16 -2.31
N PRO A 289 -19.85 12.21 -3.45
N PRO A 289 -19.90 12.23 -3.38
CA PRO A 289 -19.74 13.43 -4.29
CA PRO A 289 -19.82 13.41 -4.28
C PRO A 289 -20.04 14.70 -3.54
C PRO A 289 -19.84 14.78 -3.59
N GLY A 290 -19.26 15.72 -3.82
N GLY A 290 -20.51 14.90 -2.42
CA GLY A 290 -19.42 17.03 -3.26
CA GLY A 290 -20.73 16.25 -1.82
C GLY A 290 -18.65 17.16 -1.94
C GLY A 290 -19.45 16.68 -1.09
N ASP A 291 -18.23 16.04 -1.26
CA ASP A 291 -17.55 16.08 0.06
C ASP A 291 -16.14 16.57 -0.16
N THR A 292 -16.09 17.83 -0.47
CA THR A 292 -14.74 18.63 -0.47
C THR A 292 -14.39 19.23 0.89
N HIS A 293 -13.15 19.13 1.25
CA HIS A 293 -12.66 19.69 2.45
C HIS A 293 -11.35 20.36 2.17
N LEU A 294 -10.89 21.29 2.97
CA LEU A 294 -9.54 21.95 2.84
C LEU A 294 -8.43 20.94 3.11
N GLY A 295 -7.50 20.86 2.17
CA GLY A 295 -6.33 20.00 2.29
C GLY A 295 -5.06 20.81 2.25
N ALA A 296 -3.93 20.11 2.49
CA ALA A 296 -2.63 20.74 2.35
C ALA A 296 -2.40 21.28 0.95
N LYS A 297 -1.57 22.28 0.79
CA LYS A 297 -1.34 22.99 -0.49
C LYS A 297 0.15 22.97 -0.78
N TYR A 298 0.49 22.45 -1.96
CA TYR A 298 1.85 22.30 -2.45
C TYR A 298 2.10 23.25 -3.60
N LYS A 299 3.19 23.99 -3.59
CA LYS A 299 3.63 24.79 -4.67
C LYS A 299 4.69 24.08 -5.47
N VAL A 300 4.52 24.04 -6.79
CA VAL A 300 5.51 23.45 -7.66
C VAL A 300 6.33 24.52 -8.36
N ASN A 301 7.64 24.45 -8.19
CA ASN A 301 8.55 25.38 -8.77
C ASN A 301 9.30 24.87 -9.98
N ARG A 302 9.43 23.58 -10.14
CA ARG A 302 10.20 22.98 -11.21
C ARG A 302 9.74 21.56 -11.48
N ILE A 303 9.78 21.15 -12.72
CA ILE A 303 9.51 19.78 -13.10
C ILE A 303 10.77 19.23 -13.79
N THR A 304 11.29 18.06 -13.45
CA THR A 304 12.29 17.41 -14.26
C THR A 304 11.79 16.04 -14.68
N TYR A 305 12.22 15.46 -15.78
CA TYR A 305 11.64 14.21 -16.19
C TYR A 305 12.52 13.48 -17.17
N ARG A 306 12.34 12.18 -17.24
CA ARG A 306 12.97 11.34 -18.25
C ARG A 306 12.36 11.55 -19.61
N ASN A 307 13.19 11.35 -20.64
CA ASN A 307 12.63 11.21 -21.96
C ASN A 307 11.56 10.08 -21.97
N ASN A 308 10.43 10.42 -22.64
CA ASN A 308 9.34 9.45 -22.73
C ASN A 308 8.82 8.97 -21.32
N ALA A 309 8.76 9.95 -20.44
CA ALA A 309 8.38 9.71 -19.04
C ALA A 309 7.06 8.94 -18.95
N ILE A 310 7.04 8.07 -17.96
CA ILE A 310 5.83 7.27 -17.63
C ILE A 310 5.39 7.63 -16.19
N MET A 311 4.10 7.98 -16.06
CA MET A 311 3.43 8.22 -14.75
C MET A 311 2.69 6.99 -14.35
N PRO A 312 3.05 6.37 -13.20
CA PRO A 312 2.22 5.30 -12.66
C PRO A 312 0.97 5.87 -12.05
N MET A 313 -0.14 5.09 -12.13
CA MET A 313 -1.47 5.52 -11.65
C MET A 313 -2.15 4.32 -11.00
N SER A 314 -2.74 4.57 -9.80
CA SER A 314 -3.67 3.65 -9.15
C SER A 314 -5.10 4.11 -9.36
N SER A 315 -5.88 3.30 -10.05
CA SER A 315 -7.30 3.56 -10.24
C SER A 315 -7.99 2.79 -9.14
N CYS A 316 -8.04 3.43 -7.95
CA CYS A 316 -8.36 2.72 -6.71
C CYS A 316 -9.87 2.71 -6.44
N GLY A 317 -10.29 1.71 -5.67
CA GLY A 317 -11.67 1.60 -5.30
C GLY A 317 -12.01 0.21 -4.78
N ARG A 318 -13.08 -0.42 -5.35
CA ARG A 318 -13.37 -1.76 -5.06
C ARG A 318 -12.28 -2.75 -5.48
N LEU A 319 -12.31 -3.94 -4.90
CA LEU A 319 -11.20 -4.94 -5.05
C LEU A 319 -10.87 -5.13 -6.55
N THR A 320 -9.57 -5.34 -6.89
CA THR A 320 -8.40 -5.31 -6.04
C THR A 320 -7.37 -4.42 -6.69
N ASP A 321 -6.80 -3.50 -5.90
CA ASP A 321 -5.78 -2.59 -6.38
C ASP A 321 -4.72 -2.40 -5.33
N GLU A 322 -3.83 -1.44 -5.57
CA GLU A 322 -2.67 -1.13 -4.74
C GLU A 322 -3.08 -0.73 -3.32
N THR A 323 -4.25 -0.13 -3.16
CA THR A 323 -4.71 0.27 -1.84
C THR A 323 -5.07 -0.94 -1.04
N HIS A 324 -5.24 -2.12 -1.61
CA HIS A 324 -5.51 -3.35 -0.88
C HIS A 324 -4.23 -4.16 -0.78
N THR A 325 -3.55 -4.39 -1.92
CA THR A 325 -2.40 -5.28 -1.94
C THR A 325 -1.24 -4.72 -1.16
N MET A 326 -1.08 -3.39 -1.18
CA MET A 326 0.10 -2.73 -0.55
C MET A 326 -0.33 -2.11 0.78
N ILE A 327 -1.38 -1.27 0.84
CA ILE A 327 -1.67 -0.67 2.14
C ILE A 327 -1.95 -1.74 3.17
N GLY A 328 -2.90 -2.66 2.87
CA GLY A 328 -3.29 -3.64 3.82
C GLY A 328 -2.19 -4.59 4.22
N SER A 329 -1.52 -5.15 3.20
CA SER A 329 -0.53 -6.17 3.49
C SER A 329 0.69 -5.63 4.23
N LEU A 330 1.09 -4.42 3.83
CA LEU A 330 2.29 -3.85 4.43
C LEU A 330 2.00 -3.39 5.89
N ALA A 331 0.78 -2.86 6.15
CA ALA A 331 0.39 -2.59 7.56
C ALA A 331 0.34 -3.85 8.36
N ALA A 332 -0.21 -4.95 7.76
CA ALA A 332 -0.22 -6.23 8.44
C ALA A 332 1.18 -6.73 8.81
N ALA A 333 2.12 -6.57 7.86
CA ALA A 333 3.46 -6.99 8.14
C ALA A 333 4.08 -6.26 9.37
N GLU A 334 3.89 -4.94 9.33
CA GLU A 334 4.41 -4.13 10.47
C GLU A 334 3.75 -4.53 11.78
N ILE A 335 2.42 -4.78 11.74
CA ILE A 335 1.70 -5.20 12.92
C ILE A 335 2.22 -6.53 13.43
N ARG A 336 2.51 -7.46 12.53
CA ARG A 336 3.11 -8.75 12.97
C ARG A 336 4.38 -8.53 13.78
N LYS A 337 5.26 -7.74 13.20
CA LYS A 337 6.51 -7.45 13.93
C LYS A 337 6.25 -6.72 15.26
N LEU A 338 5.41 -5.71 15.27
CA LEU A 338 5.08 -4.99 16.48
C LEU A 338 4.60 -5.92 17.54
N CYS A 339 3.69 -6.86 17.21
CA CYS A 339 3.19 -7.79 18.18
C CYS A 339 4.35 -8.62 18.73
N GLN A 340 5.22 -9.14 17.89
CA GLN A 340 6.35 -10.00 18.35
C GLN A 340 7.30 -9.19 19.24
N GLN A 341 7.51 -7.91 18.95
CA GLN A 341 8.38 -7.09 19.73
C GLN A 341 7.79 -6.76 21.10
N ASN A 342 6.47 -6.89 21.25
CA ASN A 342 5.75 -6.76 22.48
C ASN A 342 5.55 -8.10 23.21
N ASP A 343 6.26 -9.13 22.82
CA ASP A 343 6.23 -10.45 23.44
C ASP A 343 4.89 -11.15 23.21
N LEU A 344 4.14 -10.82 22.18
CA LEU A 344 2.89 -11.48 21.89
C LEU A 344 3.20 -12.63 20.93
N PRO A 345 2.57 -13.76 21.08
CA PRO A 345 2.91 -15.02 20.32
C PRO A 345 2.23 -15.01 18.94
N ILE A 346 2.53 -14.03 18.08
CA ILE A 346 1.96 -13.89 16.77
C ILE A 346 2.95 -14.42 15.80
N THR A 347 2.55 -15.28 14.88
CA THR A 347 3.43 -15.79 13.85
C THR A 347 3.24 -15.12 12.53
N ASP A 348 2.05 -14.70 12.22
CA ASP A 348 1.68 -14.20 10.88
C ASP A 348 0.55 -13.21 11.01
N ALA A 349 0.50 -12.28 10.07
CA ALA A 349 -0.61 -11.31 9.98
C ALA A 349 -0.91 -10.99 8.54
N PHE A 350 -2.20 -10.79 8.23
CA PHE A 350 -2.59 -10.39 6.89
C PHE A 350 -3.90 -9.65 6.99
N ALA A 351 -4.13 -8.67 6.12
CA ALA A 351 -5.43 -7.95 6.04
C ALA A 351 -6.28 -8.59 4.96
N PRO A 352 -7.33 -9.36 5.34
CA PRO A 352 -8.08 -10.03 4.27
C PRO A 352 -8.68 -9.09 3.29
N PHE A 353 -8.53 -9.39 2.01
CA PHE A 353 -9.16 -8.58 1.01
C PHE A 353 -10.68 -8.47 1.19
N GLU A 354 -11.30 -9.56 1.60
CA GLU A 354 -12.72 -9.63 1.83
C GLU A 354 -13.24 -8.57 2.79
N SER A 355 -12.36 -8.21 3.76
CA SER A 355 -12.64 -7.17 4.74
C SER A 355 -12.45 -5.74 4.24
N GLN A 356 -12.11 -5.60 2.94
CA GLN A 356 -11.74 -4.29 2.36
C GLN A 356 -10.51 -3.73 3.13
N VAL A 357 -9.61 -4.69 3.49
CA VAL A 357 -8.40 -4.42 4.25
C VAL A 357 -8.63 -3.65 5.56
N THR A 358 -9.80 -3.75 6.16
CA THR A 358 -10.12 -3.12 7.40
C THR A 358 -9.92 -4.07 8.61
N TRP A 359 -9.74 -5.38 8.33
CA TRP A 359 -9.41 -6.33 9.38
C TRP A 359 -7.95 -6.77 9.22
N VAL A 360 -7.32 -7.21 10.32
CA VAL A 360 -6.11 -7.98 10.23
C VAL A 360 -6.32 -9.26 11.02
N ALA A 361 -6.02 -10.40 10.41
CA ALA A 361 -6.01 -11.65 11.07
C ALA A 361 -4.62 -11.95 11.59
N LEU A 362 -4.56 -12.30 12.87
CA LEU A 362 -3.28 -12.58 13.58
C LEU A 362 -3.26 -14.04 13.93
N ARG A 363 -2.31 -14.80 13.35
CA ARG A 363 -2.13 -16.22 13.66
C ARG A 363 -1.30 -16.36 14.93
N VAL A 364 -1.81 -17.09 15.89
CA VAL A 364 -1.23 -17.29 17.20
C VAL A 364 -0.51 -18.64 17.31
N ASP A 365 0.73 -18.59 17.83
CA ASP A 365 1.42 -19.78 18.27
C ASP A 365 0.82 -20.23 19.59
N THR A 366 -0.10 -21.19 19.50
CA THR A 366 -0.88 -21.52 20.65
C THR A 366 -0.09 -22.36 21.70
N GLU A 367 1.00 -22.95 21.33
CA GLU A 367 1.92 -23.53 22.35
C GLU A 367 2.41 -22.46 23.26
N LYS A 368 2.87 -21.38 22.67
CA LYS A 368 3.25 -20.23 23.48
C LYS A 368 2.14 -19.64 24.25
N LEU A 369 0.98 -19.49 23.60
CA LEU A 369 -0.18 -19.00 24.35
C LEU A 369 -0.48 -19.82 25.55
N ARG A 370 -0.52 -21.11 25.42
CA ARG A 370 -0.81 -21.93 26.57
C ARG A 370 0.11 -21.73 27.76
N ALA A 371 1.40 -21.48 27.42
CA ALA A 371 2.36 -21.25 28.50
C ALA A 371 2.13 -19.93 29.25
N MET A 372 1.46 -18.99 28.65
CA MET A 372 1.14 -17.68 29.22
C MET A 372 0.10 -17.81 30.31
N LYS A 373 -0.72 -18.90 30.29
CA LYS A 373 -1.71 -19.20 31.28
C LYS A 373 -2.64 -17.99 31.50
N THR A 374 -3.23 -17.55 30.36
CA THR A 374 -4.04 -16.35 30.33
C THR A 374 -5.45 -16.69 29.86
N THR A 375 -6.26 -15.64 29.65
CA THR A 375 -7.61 -15.82 29.22
C THR A 375 -7.92 -14.96 28.03
N SER A 376 -9.08 -15.23 27.36
CA SER A 376 -9.42 -14.42 26.19
C SER A 376 -9.51 -12.96 26.53
N GLU A 377 -10.24 -12.62 27.60
N GLU A 377 -10.21 -12.63 27.62
CA GLU A 377 -10.41 -11.19 27.92
CA GLU A 377 -10.44 -11.21 27.84
C GLU A 377 -9.04 -10.49 28.09
C GLU A 377 -9.14 -10.45 28.18
N GLY A 378 -8.20 -11.13 28.87
CA GLY A 378 -6.91 -10.48 29.10
C GLY A 378 -6.08 -10.38 27.85
N PHE A 379 -6.04 -11.46 27.06
CA PHE A 379 -5.20 -11.51 25.88
C PHE A 379 -5.69 -10.51 24.82
N ARG A 380 -7.03 -10.49 24.61
CA ARG A 380 -7.62 -9.51 23.66
C ARG A 380 -7.30 -8.12 23.99
N LYS A 381 -7.38 -7.78 25.26
CA LYS A 381 -7.04 -6.42 25.73
C LYS A 381 -5.60 -6.11 25.43
N ARG A 382 -4.68 -7.05 25.75
CA ARG A 382 -3.24 -6.84 25.54
C ARG A 382 -2.94 -6.57 24.07
N VAL A 383 -3.52 -7.43 23.21
CA VAL A 383 -3.24 -7.32 21.76
C VAL A 383 -3.80 -5.99 21.25
N GLY A 384 -5.07 -5.67 21.60
CA GLY A 384 -5.63 -4.46 21.08
C GLY A 384 -4.91 -3.18 21.60
N ASP A 385 -4.48 -3.20 22.86
CA ASP A 385 -3.73 -2.03 23.38
C ASP A 385 -2.45 -1.88 22.57
N VAL A 386 -1.74 -2.92 22.28
CA VAL A 386 -0.47 -2.80 21.51
C VAL A 386 -0.78 -2.26 20.15
N VAL A 387 -1.71 -2.86 19.43
CA VAL A 387 -1.87 -2.51 18.02
C VAL A 387 -2.63 -1.19 17.79
N PHE A 388 -3.74 -1.03 18.53
CA PHE A 388 -4.58 0.12 18.23
C PHE A 388 -4.06 1.44 18.83
N ASN A 389 -3.05 1.35 19.70
CA ASN A 389 -2.35 2.60 20.17
C ASN A 389 -1.17 2.89 19.31
N HIS A 390 -0.89 2.15 18.27
CA HIS A 390 0.31 2.39 17.43
C HIS A 390 -0.13 2.82 16.04
N LYS A 391 0.70 3.62 15.41
CA LYS A 391 0.48 4.00 14.03
C LYS A 391 0.31 2.86 13.08
N ALA A 392 0.98 1.74 13.29
CA ALA A 392 0.87 0.66 12.33
C ALA A 392 -0.58 0.11 12.35
N GLY A 393 -1.28 0.27 13.46
CA GLY A 393 -2.69 -0.13 13.57
C GLY A 393 -3.71 0.87 13.08
N TYR A 394 -3.29 2.04 12.59
CA TYR A 394 -4.23 3.10 12.25
C TYR A 394 -5.35 2.71 11.37
N THR A 395 -5.03 2.05 10.22
CA THR A 395 -6.03 1.73 9.22
C THR A 395 -6.95 0.54 9.59
N ILE A 396 -6.61 -0.18 10.64
CA ILE A 396 -7.23 -1.46 10.92
C ILE A 396 -8.23 -1.31 12.05
N HIS A 397 -9.47 -1.69 11.80
CA HIS A 397 -10.55 -1.55 12.77
C HIS A 397 -10.94 -2.84 13.45
N ARG A 398 -10.60 -3.99 12.92
CA ARG A 398 -10.93 -5.29 13.54
C ARG A 398 -9.70 -6.16 13.49
N LEU A 399 -9.27 -6.67 14.63
CA LEU A 399 -8.27 -7.72 14.67
C LEU A 399 -8.92 -9.03 14.95
N VAL A 400 -8.58 -10.10 14.23
CA VAL A 400 -9.16 -11.42 14.47
C VAL A 400 -8.04 -12.34 14.89
N LEU A 401 -8.12 -12.87 16.12
CA LEU A 401 -7.12 -13.82 16.63
C LEU A 401 -7.50 -15.20 16.22
N VAL A 402 -6.59 -15.92 15.56
CA VAL A 402 -6.84 -17.34 15.16
C VAL A 402 -5.71 -18.20 15.56
N GLY A 403 -6.01 -19.49 15.76
CA GLY A 403 -4.98 -20.46 16.09
C GLY A 403 -4.20 -20.98 14.89
N ASP A 404 -3.26 -21.91 15.20
CA ASP A 404 -2.27 -22.38 14.28
C ASP A 404 -2.78 -23.11 13.12
N ASP A 405 -4.02 -23.58 13.12
CA ASP A 405 -4.52 -24.31 11.96
C ASP A 405 -4.96 -23.39 10.85
N ILE A 406 -5.11 -22.10 11.04
CA ILE A 406 -5.58 -21.17 10.06
C ILE A 406 -4.45 -20.45 9.32
N ASP A 407 -4.53 -20.49 7.99
CA ASP A 407 -3.66 -19.74 7.12
C ASP A 407 -4.26 -18.35 6.91
N VAL A 408 -3.68 -17.38 7.61
CA VAL A 408 -4.23 -16.02 7.56
C VAL A 408 -4.19 -15.38 6.17
N TYR A 409 -3.37 -15.93 5.26
CA TYR A 409 -3.30 -15.39 3.91
C TYR A 409 -4.41 -15.89 3.06
N GLU A 410 -5.27 -16.75 3.60
CA GLU A 410 -6.44 -17.36 2.87
C GLU A 410 -7.73 -16.83 3.46
N GLY A 411 -8.31 -15.85 2.78
CA GLY A 411 -9.47 -15.20 3.39
C GLY A 411 -10.65 -16.12 3.69
N LYS A 412 -10.84 -17.18 2.87
N LYS A 412 -10.85 -17.19 2.91
CA LYS A 412 -11.89 -18.14 3.15
CA LYS A 412 -11.94 -18.11 3.21
C LYS A 412 -11.75 -18.73 4.50
C LYS A 412 -11.75 -18.79 4.52
N ASP A 413 -10.50 -19.06 4.89
CA ASP A 413 -10.24 -19.72 6.17
C ASP A 413 -10.37 -18.76 7.36
N VAL A 414 -9.94 -17.51 7.15
CA VAL A 414 -10.15 -16.47 8.15
C VAL A 414 -11.66 -16.27 8.39
N LEU A 415 -12.44 -16.22 7.31
N LEU A 415 -12.45 -16.20 7.32
CA LEU A 415 -13.89 -16.01 7.47
CA LEU A 415 -13.90 -16.01 7.51
C LEU A 415 -14.55 -17.18 8.17
C LEU A 415 -14.55 -17.19 8.19
N TRP A 416 -14.12 -18.40 7.83
CA TRP A 416 -14.57 -19.60 8.52
C TRP A 416 -14.30 -19.54 10.01
N ALA A 417 -13.06 -19.26 10.38
CA ALA A 417 -12.72 -19.20 11.76
C ALA A 417 -13.43 -18.12 12.53
N PHE A 418 -13.48 -16.93 11.95
CA PHE A 418 -14.19 -15.77 12.57
C PHE A 418 -15.64 -16.13 12.85
N SER A 419 -16.29 -16.71 11.83
N SER A 419 -16.32 -16.68 11.82
CA SER A 419 -17.69 -16.98 11.88
CA SER A 419 -17.76 -16.93 11.91
C SER A 419 -18.13 -18.08 12.83
C SER A 419 -18.15 -18.08 12.83
N THR A 420 -17.22 -18.99 13.10
CA THR A 420 -17.53 -20.17 13.84
C THR A 420 -16.87 -20.25 15.24
N ARG A 421 -15.83 -19.43 15.51
CA ARG A 421 -15.06 -19.55 16.75
C ARG A 421 -15.13 -18.30 17.60
N CYS A 422 -15.67 -17.17 17.12
CA CYS A 422 -15.74 -15.97 17.88
C CYS A 422 -17.24 -15.67 18.14
N ARG A 423 -17.62 -15.82 19.43
CA ARG A 423 -18.97 -15.48 19.84
C ARG A 423 -19.17 -13.97 19.85
N PRO A 424 -20.10 -13.44 19.06
CA PRO A 424 -20.31 -12.00 19.04
C PRO A 424 -20.53 -11.44 20.45
N GLY A 425 -19.87 -10.30 20.74
CA GLY A 425 -20.00 -9.67 22.10
C GLY A 425 -19.06 -10.29 23.06
N MET A 426 -19.39 -11.43 23.59
CA MET A 426 -18.62 -12.07 24.64
C MET A 426 -17.16 -12.29 24.32
N ASP A 427 -16.89 -12.69 23.09
CA ASP A 427 -15.51 -13.02 22.67
C ASP A 427 -14.82 -11.82 22.02
N GLU A 428 -15.33 -10.63 22.26
CA GLU A 428 -14.82 -9.43 21.63
C GLU A 428 -14.59 -8.33 22.64
N THR A 429 -13.60 -7.47 22.38
CA THR A 429 -13.41 -6.25 23.17
C THR A 429 -13.42 -5.07 22.23
N LEU A 430 -14.32 -4.12 22.50
CA LEU A 430 -14.43 -2.90 21.82
C LEU A 430 -13.46 -1.83 22.34
N PHE A 431 -12.90 -1.02 21.47
CA PHE A 431 -11.97 0.05 21.80
C PHE A 431 -12.49 1.35 21.28
N GLU A 432 -13.05 2.23 22.15
CA GLU A 432 -13.62 3.45 21.74
C GLU A 432 -12.63 4.65 21.91
N ASP A 433 -11.55 4.48 22.67
CA ASP A 433 -10.67 5.62 23.03
C ASP A 433 -9.32 5.34 22.35
N VAL A 434 -9.36 5.05 21.06
CA VAL A 434 -8.19 4.90 20.19
C VAL A 434 -8.45 5.72 18.96
N ARG A 435 -7.39 6.10 18.23
CA ARG A 435 -7.55 6.79 16.99
C ARG A 435 -8.27 5.92 15.94
N GLY A 436 -9.30 6.47 15.33
CA GLY A 436 -9.99 5.78 14.24
C GLY A 436 -9.58 6.29 12.87
N PHE A 437 -9.88 5.50 11.82
CA PHE A 437 -9.50 5.81 10.45
C PHE A 437 -10.66 6.44 9.77
N PRO A 438 -10.65 7.76 9.56
CA PRO A 438 -11.86 8.41 9.09
C PRO A 438 -12.30 8.06 7.72
N LEU A 439 -11.42 7.56 6.85
N LEU A 439 -11.41 7.56 6.88
CA LEU A 439 -11.77 7.22 5.47
CA LEU A 439 -11.73 7.23 5.50
C LEU A 439 -12.75 6.05 5.37
C LEU A 439 -12.78 6.12 5.41
N ILE A 440 -12.81 5.21 6.41
CA ILE A 440 -13.78 4.15 6.35
C ILE A 440 -15.17 4.80 6.38
N PRO A 441 -16.12 4.45 5.49
CA PRO A 441 -17.41 5.12 5.51
C PRO A 441 -18.11 5.18 6.86
N TYR A 442 -18.07 4.05 7.57
CA TYR A 442 -18.77 4.03 8.90
C TYR A 442 -18.12 4.91 9.92
N MET A 443 -16.94 5.46 9.63
CA MET A 443 -16.22 6.44 10.52
C MET A 443 -16.59 7.82 10.03
N GLY A 444 -15.98 8.31 8.93
CA GLY A 444 -16.16 9.70 8.54
C GLY A 444 -17.53 10.08 8.08
N HIS A 445 -18.33 9.11 7.58
CA HIS A 445 -19.69 9.33 7.15
C HIS A 445 -20.68 8.53 7.98
N GLY A 446 -20.30 8.17 9.20
CA GLY A 446 -21.08 7.27 10.07
C GLY A 446 -21.77 7.98 11.22
N ASN A 447 -22.20 7.19 12.18
CA ASN A 447 -23.03 7.62 13.29
C ASN A 447 -22.24 8.09 14.49
N GLY A 448 -20.91 7.98 14.50
CA GLY A 448 -20.12 8.38 15.61
C GLY A 448 -18.95 9.28 15.24
N PRO A 449 -18.04 9.52 16.18
CA PRO A 449 -16.90 10.42 15.94
C PRO A 449 -16.06 9.85 14.77
N ALA A 450 -15.71 10.74 13.82
CA ALA A 450 -14.98 10.28 12.66
C ALA A 450 -13.57 9.77 13.02
N HIS A 451 -12.97 10.31 14.05
CA HIS A 451 -11.56 10.11 14.38
C HIS A 451 -11.24 9.30 15.58
N ARG A 452 -12.30 8.72 16.21
CA ARG A 452 -12.04 8.05 17.49
C ARG A 452 -12.98 6.83 17.54
N GLY A 453 -12.38 5.75 17.95
CA GLY A 453 -13.11 4.52 18.32
C GLY A 453 -13.52 3.70 17.08
N GLY A 454 -14.50 2.86 17.32
CA GLY A 454 -14.99 1.95 16.30
C GLY A 454 -14.09 0.77 16.05
N LYS A 455 -13.24 0.40 16.98
CA LYS A 455 -12.30 -0.71 16.82
C LYS A 455 -12.63 -1.87 17.72
N VAL A 456 -12.20 -3.08 17.32
CA VAL A 456 -12.55 -4.27 18.03
C VAL A 456 -11.48 -5.34 17.93
N VAL A 457 -11.27 -6.10 18.99
CA VAL A 457 -10.51 -7.34 18.88
C VAL A 457 -11.51 -8.49 19.01
N SER A 458 -11.55 -9.34 17.98
CA SER A 458 -12.44 -10.49 17.91
C SER A 458 -11.61 -11.74 18.13
N ASP A 459 -11.83 -12.45 19.22
CA ASP A 459 -11.09 -13.64 19.56
C ASP A 459 -11.69 -14.90 18.95
N ALA A 460 -11.07 -15.42 17.87
CA ALA A 460 -11.47 -16.67 17.24
C ALA A 460 -10.60 -17.81 17.69
N LEU A 461 -9.90 -17.70 18.83
CA LEU A 461 -9.31 -18.79 19.55
C LEU A 461 -10.39 -19.52 20.33
N MET A 462 -10.41 -20.82 20.26
CA MET A 462 -11.36 -21.64 21.07
C MET A 462 -10.82 -21.83 22.46
N PRO A 463 -11.73 -22.12 23.44
CA PRO A 463 -11.26 -22.12 24.84
C PRO A 463 -10.09 -23.01 25.14
N THR A 464 -10.06 -24.21 24.56
CA THR A 464 -8.97 -25.08 24.96
C THR A 464 -7.66 -24.66 24.31
N GLU A 465 -7.65 -23.73 23.36
CA GLU A 465 -6.40 -23.26 22.81
C GLU A 465 -5.60 -22.45 23.85
N TYR A 466 -6.26 -21.96 24.90
CA TYR A 466 -5.58 -21.31 26.04
C TYR A 466 -5.11 -22.28 27.11
N THR A 467 -5.60 -23.53 27.12
CA THR A 467 -5.38 -24.41 28.25
C THR A 467 -4.62 -25.65 27.78
N THR A 468 -5.31 -26.66 27.26
CA THR A 468 -4.78 -27.99 26.98
C THR A 468 -4.51 -28.30 25.52
N GLY A 469 -5.03 -27.50 24.56
CA GLY A 469 -4.78 -27.77 23.15
C GLY A 469 -6.08 -27.87 22.37
N ARG A 470 -5.96 -27.68 21.06
CA ARG A 470 -7.11 -27.87 20.18
C ARG A 470 -7.78 -29.20 20.50
N ASN A 471 -9.11 -29.20 20.48
CA ASN A 471 -9.89 -30.39 20.86
C ASN A 471 -10.93 -30.80 19.77
N TRP A 472 -10.70 -30.34 18.55
CA TRP A 472 -11.48 -30.75 17.39
C TRP A 472 -10.64 -31.23 16.28
N GLU A 473 -11.31 -31.83 15.28
CA GLU A 473 -10.78 -31.98 13.97
C GLU A 473 -11.73 -31.38 12.98
N ALA A 474 -11.23 -30.80 11.89
CA ALA A 474 -12.12 -30.22 10.89
C ALA A 474 -12.92 -31.36 10.22
N ALA A 475 -14.19 -31.07 9.89
CA ALA A 475 -15.04 -31.89 9.04
C ALA A 475 -14.78 -31.55 7.58
N ASP A 476 -13.53 -31.86 7.19
CA ASP A 476 -13.13 -31.60 5.81
C ASP A 476 -12.40 -32.84 5.28
N PHE A 477 -12.12 -32.80 3.95
CA PHE A 477 -11.44 -33.94 3.38
C PHE A 477 -10.06 -34.15 4.03
N ASN A 478 -9.36 -33.04 4.29
CA ASN A 478 -8.01 -33.17 4.82
C ASN A 478 -7.96 -33.88 6.16
N GLN A 479 -8.89 -33.51 7.08
CA GLN A 479 -8.82 -33.90 8.48
C GLN A 479 -9.74 -35.02 8.92
N SER A 480 -10.75 -35.31 8.16
N SER A 480 -10.75 -35.32 8.12
CA SER A 480 -11.70 -36.27 8.63
CA SER A 480 -11.80 -36.31 8.46
C SER A 480 -11.54 -37.65 7.96
C SER A 480 -11.47 -37.74 8.08
N TYR A 481 -10.41 -37.92 7.28
CA TYR A 481 -10.15 -39.17 6.59
C TYR A 481 -8.67 -39.51 6.77
N PRO A 482 -8.31 -40.74 6.93
CA PRO A 482 -6.90 -41.11 7.07
C PRO A 482 -6.09 -40.93 5.79
N GLU A 483 -4.75 -40.80 5.93
CA GLU A 483 -3.90 -40.51 4.85
C GLU A 483 -4.01 -41.47 3.69
N ASP A 484 -4.03 -42.75 4.04
N ASP A 484 -3.98 -42.76 4.01
CA ASP A 484 -4.04 -43.78 3.00
CA ASP A 484 -4.01 -43.79 2.94
C ASP A 484 -5.29 -43.75 2.17
C ASP A 484 -5.29 -43.60 2.09
N LEU A 485 -6.42 -43.40 2.78
CA LEU A 485 -7.68 -43.28 2.11
C LEU A 485 -7.71 -42.05 1.20
N LYS A 486 -7.26 -40.93 1.76
CA LYS A 486 -7.22 -39.70 0.95
C LYS A 486 -6.42 -39.91 -0.35
N GLN A 487 -5.25 -40.55 -0.15
CA GLN A 487 -4.35 -40.74 -1.35
C GLN A 487 -5.06 -41.71 -2.39
N LYS A 488 -5.73 -42.73 -1.90
CA LYS A 488 -6.47 -43.63 -2.79
C LYS A 488 -7.54 -42.86 -3.58
N VAL A 489 -8.30 -42.02 -2.87
CA VAL A 489 -9.30 -41.19 -3.48
C VAL A 489 -8.70 -40.33 -4.58
N LEU A 490 -7.63 -39.60 -4.25
CA LEU A 490 -6.96 -38.76 -5.23
C LEU A 490 -6.39 -39.57 -6.41
N ASP A 491 -5.81 -40.73 -6.09
CA ASP A 491 -5.20 -41.50 -7.20
C ASP A 491 -6.26 -42.05 -8.13
N ASN A 492 -7.49 -42.29 -7.62
CA ASN A 492 -8.57 -42.87 -8.49
C ASN A 492 -9.53 -41.85 -9.01
N TRP A 493 -9.29 -40.55 -8.71
CA TRP A 493 -10.29 -39.50 -8.98
C TRP A 493 -10.69 -39.37 -10.45
N THR A 494 -9.69 -39.20 -11.33
CA THR A 494 -10.05 -39.07 -12.75
C THR A 494 -10.51 -40.45 -13.31
N LYS A 495 -10.01 -41.62 -12.82
CA LYS A 495 -10.42 -42.99 -13.25
C LYS A 495 -11.87 -43.09 -13.05
N MET A 496 -12.32 -42.68 -11.85
CA MET A 496 -13.72 -42.77 -11.53
C MET A 496 -14.58 -41.92 -12.38
N GLY A 497 -14.12 -40.78 -12.89
CA GLY A 497 -14.91 -39.86 -13.70
C GLY A 497 -15.06 -38.42 -13.26
N PHE A 498 -14.38 -38.02 -12.22
CA PHE A 498 -14.45 -36.67 -11.69
C PHE A 498 -13.41 -35.78 -12.38
N SER A 499 -13.33 -34.49 -12.05
CA SER A 499 -12.38 -33.56 -12.78
C SER A 499 -11.18 -33.12 -12.02
N HIS A 503 -4.86 -27.31 -13.30
CA HIS A 503 -3.35 -27.44 -13.30
C HIS A 503 -2.76 -26.23 -12.57
N HIS A 504 -1.79 -26.51 -11.76
CA HIS A 504 -1.22 -25.49 -10.88
C HIS A 504 -0.80 -24.19 -11.57
N HIS A 505 -0.13 -24.23 -12.71
CA HIS A 505 0.34 -22.92 -13.32
C HIS A 505 -0.73 -22.17 -14.18
N HIS A 506 -1.94 -22.77 -14.43
CA HIS A 506 -2.98 -22.24 -15.33
#